data_7A3W
#
_entry.id   7A3W
#
_cell.length_a   48.440
_cell.length_b   65.391
_cell.length_c   81.877
_cell.angle_alpha   90.000
_cell.angle_beta   91.510
_cell.angle_gamma   90.000
#
_symmetry.space_group_name_H-M   'P 1 21 1'
#
loop_
_entity.id
_entity.type
_entity.pdbx_description
1 polymer 'NAD(P)-dependent oxidoreductase'
2 non-polymer 'NADPH DIHYDRO-NICOTINAMIDE-ADENINE-DINUCLEOTIDE PHOSPHATE'
3 non-polymer 1,2-ETHANEDIOL
4 non-polymer GLYCEROL
5 water water
#
_entity_poly.entity_id   1
_entity_poly.type   'polypeptide(L)'
_entity_poly.pdbx_seq_one_letter_code
;MSMSGSNKPSVSVLGLGAMGSVLARTLLQAGYGVTVWNRSPERATALVQEGASLAREASEAINASNLIIICMIDKAVFQD
VLSSLDPLLNMSGKTIVNMSTGTVDDVERIAKRVDQHNGLYVDAGIMCYPKDIGGQHTTILYSGNSDAYHAHESTLKVLA
GNPKFLGADPTACTPTYLALYAFYFGAFAAWLEGAVLASCAGVSVQDFKALSPIMSDMLVDGIKTAADRIAASDYSGEQA
SVDVHVAGQEVVLDALQRANAPHASTDAYLSYCRMAQTAGMGELDIASLFKAMHP
;
_entity_poly.pdbx_strand_id   A,B
#
# COMPACT_ATOMS: atom_id res chain seq x y z
N ASN A 7 -23.51 -35.30 -8.81
CA ASN A 7 -23.00 -35.77 -10.14
C ASN A 7 -21.73 -35.00 -10.51
N LYS A 8 -21.01 -34.44 -9.54
CA LYS A 8 -19.88 -33.51 -9.78
C LYS A 8 -18.72 -34.29 -10.39
N PRO A 9 -17.96 -33.69 -11.33
CA PRO A 9 -16.88 -34.39 -12.01
C PRO A 9 -15.63 -34.56 -11.12
N SER A 10 -14.69 -35.37 -11.59
CA SER A 10 -13.36 -35.56 -10.96
C SER A 10 -12.49 -34.35 -11.31
N VAL A 11 -11.68 -33.91 -10.35
CA VAL A 11 -10.63 -32.88 -10.56
C VAL A 11 -9.34 -33.46 -9.98
N SER A 12 -8.21 -33.17 -10.59
CA SER A 12 -6.89 -33.58 -10.05
C SER A 12 -6.13 -32.34 -9.57
N VAL A 13 -5.36 -32.46 -8.48
CA VAL A 13 -4.50 -31.40 -7.95
C VAL A 13 -3.10 -32.02 -7.82
N LEU A 14 -2.12 -31.44 -8.49
CA LEU A 14 -0.70 -31.87 -8.41
C LEU A 14 0.08 -30.76 -7.69
N GLY A 15 0.65 -31.07 -6.55
CA GLY A 15 1.36 -30.10 -5.68
C GLY A 15 0.51 -29.84 -4.46
N LEU A 16 0.89 -30.40 -3.31
CA LEU A 16 0.05 -30.28 -2.09
C LEU A 16 0.83 -29.54 -1.00
N GLY A 17 1.47 -28.43 -1.35
CA GLY A 17 2.06 -27.52 -0.35
C GLY A 17 1.02 -26.69 0.35
N ALA A 18 1.45 -25.55 0.89
CA ALA A 18 0.57 -24.64 1.67
C ALA A 18 -0.67 -24.33 0.85
N MET A 19 -0.51 -24.00 -0.43
CA MET A 19 -1.63 -23.56 -1.28
C MET A 19 -2.35 -24.77 -1.91
N GLY A 20 -1.61 -25.69 -2.55
CA GLY A 20 -2.18 -26.84 -3.27
C GLY A 20 -3.05 -27.70 -2.37
N SER A 21 -2.65 -27.89 -1.12
CA SER A 21 -3.42 -28.74 -0.17
C SER A 21 -4.80 -28.12 0.02
N VAL A 22 -4.87 -26.79 0.11
CA VAL A 22 -6.15 -26.07 0.37
C VAL A 22 -7.01 -26.05 -0.89
N LEU A 23 -6.41 -25.93 -2.08
CA LEU A 23 -7.18 -26.08 -3.33
C LEU A 23 -7.88 -27.45 -3.31
N ALA A 24 -7.13 -28.52 -3.00
CA ALA A 24 -7.68 -29.90 -3.00
C ALA A 24 -8.78 -30.01 -1.92
N ARG A 25 -8.52 -29.50 -0.72
CA ARG A 25 -9.47 -29.60 0.41
C ARG A 25 -10.76 -28.90 0.00
N THR A 26 -10.64 -27.71 -0.60
CA THR A 26 -11.83 -26.88 -0.92
C THR A 26 -12.73 -27.61 -1.92
N LEU A 27 -12.12 -28.22 -2.93
CA LEU A 27 -12.83 -29.02 -3.94
C LEU A 27 -13.49 -30.25 -3.28
N LEU A 28 -12.77 -30.95 -2.40
CA LEU A 28 -13.34 -32.15 -1.71
C LEU A 28 -14.58 -31.71 -0.95
N GLN A 29 -14.50 -30.60 -0.23
CA GLN A 29 -15.56 -30.16 0.71
C GLN A 29 -16.79 -29.71 -0.09
N ALA A 30 -16.61 -29.28 -1.35
CA ALA A 30 -17.71 -28.89 -2.25
C ALA A 30 -18.32 -30.10 -2.97
N GLY A 31 -17.81 -31.31 -2.70
CA GLY A 31 -18.39 -32.58 -3.19
C GLY A 31 -17.79 -33.02 -4.52
N TYR A 32 -16.62 -32.51 -4.90
CA TYR A 32 -15.91 -32.94 -6.12
C TYR A 32 -15.10 -34.18 -5.76
N GLY A 33 -15.04 -35.14 -6.69
CA GLY A 33 -14.07 -36.24 -6.59
C GLY A 33 -12.71 -35.62 -6.81
N VAL A 34 -11.74 -35.85 -5.95
CA VAL A 34 -10.42 -35.23 -6.17
C VAL A 34 -9.38 -36.32 -6.10
N THR A 35 -8.52 -36.37 -7.11
CA THR A 35 -7.30 -37.19 -7.12
C THR A 35 -6.14 -36.25 -6.89
N VAL A 36 -5.27 -36.56 -5.94
CA VAL A 36 -4.13 -35.68 -5.62
C VAL A 36 -2.86 -36.41 -5.97
N TRP A 37 -1.82 -35.64 -6.23
CA TRP A 37 -0.44 -36.17 -6.32
C TRP A 37 0.49 -35.15 -5.70
N ASN A 38 1.54 -35.63 -5.03
CA ASN A 38 2.62 -34.77 -4.53
C ASN A 38 3.92 -35.54 -4.62
N ARG A 39 5.01 -34.85 -4.89
CA ARG A 39 6.36 -35.48 -4.93
C ARG A 39 6.57 -36.30 -3.67
N SER A 40 6.28 -35.75 -2.50
CA SER A 40 6.41 -36.51 -1.23
C SER A 40 5.04 -36.84 -0.66
N PRO A 41 4.82 -38.12 -0.29
CA PRO A 41 3.47 -38.61 0.03
C PRO A 41 2.91 -38.15 1.39
N GLU A 42 3.76 -37.77 2.35
CA GLU A 42 3.30 -37.30 3.69
C GLU A 42 2.20 -36.26 3.53
N ARG A 43 2.36 -35.32 2.59
N ARG A 43 2.36 -35.32 2.59
CA ARG A 43 1.48 -34.13 2.46
CA ARG A 43 1.47 -34.14 2.45
C ARG A 43 0.09 -34.57 1.96
C ARG A 43 0.08 -34.58 1.97
N ALA A 44 -0.03 -35.77 1.35
CA ALA A 44 -1.33 -36.28 0.83
C ALA A 44 -2.23 -36.83 1.95
N THR A 45 -1.66 -37.15 3.11
CA THR A 45 -2.38 -37.88 4.17
C THR A 45 -3.63 -37.11 4.58
N ALA A 46 -3.52 -35.80 4.84
CA ALA A 46 -4.68 -34.99 5.31
C ALA A 46 -5.81 -35.01 4.27
N LEU A 47 -5.44 -35.00 2.99
CA LEU A 47 -6.44 -34.96 1.89
C LEU A 47 -7.09 -36.34 1.78
N VAL A 48 -6.32 -37.41 1.93
CA VAL A 48 -6.88 -38.80 1.96
C VAL A 48 -7.85 -38.89 3.15
N GLN A 49 -7.55 -38.28 4.29
CA GLN A 49 -8.50 -38.25 5.43
C GLN A 49 -9.83 -37.62 5.01
N GLU A 50 -9.81 -36.70 4.06
CA GLU A 50 -11.03 -35.94 3.68
C GLU A 50 -11.66 -36.52 2.42
N GLY A 51 -11.17 -37.67 1.92
CA GLY A 51 -11.82 -38.40 0.82
C GLY A 51 -11.05 -38.39 -0.49
N ALA A 52 -9.85 -37.80 -0.56
CA ALA A 52 -9.09 -37.75 -1.84
C ALA A 52 -8.57 -39.12 -2.23
N SER A 53 -8.52 -39.41 -3.54
CA SER A 53 -7.77 -40.56 -4.10
C SER A 53 -6.33 -40.11 -4.31
N LEU A 54 -5.36 -40.93 -3.93
CA LEU A 54 -3.94 -40.53 -4.06
C LEU A 54 -3.38 -41.27 -5.28
N ALA A 55 -2.85 -40.54 -6.26
CA ALA A 55 -2.17 -41.13 -7.43
C ALA A 55 -0.71 -41.40 -7.04
N ARG A 56 -0.15 -42.52 -7.49
CA ARG A 56 1.24 -42.92 -7.21
C ARG A 56 2.17 -42.02 -8.01
N GLU A 57 1.77 -41.67 -9.23
CA GLU A 57 2.58 -40.88 -10.20
C GLU A 57 1.79 -39.68 -10.72
N ALA A 58 2.51 -38.65 -11.14
CA ALA A 58 1.92 -37.44 -11.77
C ALA A 58 1.06 -37.86 -12.96
N SER A 59 1.57 -38.80 -13.77
N SER A 59 1.57 -38.81 -13.77
CA SER A 59 0.92 -39.40 -14.95
CA SER A 59 0.89 -39.36 -14.97
C SER A 59 -0.51 -39.86 -14.61
C SER A 59 -0.52 -39.86 -14.62
N GLU A 60 -0.65 -40.60 -13.52
CA GLU A 60 -1.95 -41.20 -13.10
C GLU A 60 -2.90 -40.10 -12.65
N ALA A 61 -2.39 -39.07 -11.97
CA ALA A 61 -3.25 -37.94 -11.53
C ALA A 61 -3.79 -37.24 -12.79
N ILE A 62 -2.94 -37.07 -13.80
CA ILE A 62 -3.38 -36.42 -15.07
C ILE A 62 -4.44 -37.31 -15.76
N ASN A 63 -4.20 -38.63 -15.79
CA ASN A 63 -5.11 -39.61 -16.44
C ASN A 63 -6.48 -39.60 -15.73
N ALA A 64 -6.53 -39.29 -14.44
CA ALA A 64 -7.72 -39.52 -13.58
C ALA A 64 -8.84 -38.53 -13.88
N SER A 65 -8.53 -37.34 -14.39
CA SER A 65 -9.52 -36.22 -14.45
C SER A 65 -9.41 -35.45 -15.76
N ASN A 66 -10.46 -34.68 -16.09
CA ASN A 66 -10.45 -33.77 -17.26
C ASN A 66 -10.10 -32.34 -16.82
N LEU A 67 -10.01 -32.06 -15.52
CA LEU A 67 -9.50 -30.75 -15.00
C LEU A 67 -8.32 -30.99 -14.07
N ILE A 68 -7.14 -30.55 -14.47
CA ILE A 68 -5.85 -30.85 -13.79
C ILE A 68 -5.29 -29.53 -13.27
N ILE A 69 -5.27 -29.34 -11.95
CA ILE A 69 -4.82 -28.07 -11.31
C ILE A 69 -3.40 -28.29 -10.77
N ILE A 70 -2.47 -27.46 -11.18
CA ILE A 70 -1.04 -27.55 -10.79
C ILE A 70 -0.75 -26.44 -9.78
N CYS A 71 -0.15 -26.78 -8.65
CA CYS A 71 0.29 -25.76 -7.67
C CYS A 71 1.61 -26.20 -7.07
N MET A 72 2.63 -26.22 -7.90
CA MET A 72 4.00 -26.60 -7.46
C MET A 72 4.81 -25.33 -7.21
N ILE A 73 6.03 -25.44 -6.69
CA ILE A 73 6.78 -24.25 -6.22
C ILE A 73 6.89 -23.26 -7.39
N ASP A 74 7.13 -23.76 -8.59
CA ASP A 74 7.26 -22.85 -9.77
C ASP A 74 6.90 -23.58 -11.05
N LYS A 75 6.73 -22.80 -12.13
CA LYS A 75 6.35 -23.39 -13.44
C LYS A 75 7.46 -24.29 -13.95
N ALA A 76 8.72 -23.94 -13.69
CA ALA A 76 9.90 -24.71 -14.16
C ALA A 76 9.79 -26.16 -13.70
N VAL A 77 9.47 -26.43 -12.43
CA VAL A 77 9.41 -27.86 -11.98
C VAL A 77 8.23 -28.57 -12.63
N PHE A 78 7.12 -27.89 -12.98
CA PHE A 78 6.01 -28.55 -13.72
C PHE A 78 6.47 -28.88 -15.14
N GLN A 79 7.28 -28.01 -15.75
CA GLN A 79 7.89 -28.27 -17.07
C GLN A 79 8.72 -29.56 -16.97
N ASP A 80 9.49 -29.75 -15.90
CA ASP A 80 10.30 -30.97 -15.68
C ASP A 80 9.40 -32.20 -15.57
N VAL A 81 8.30 -32.10 -14.81
CA VAL A 81 7.32 -33.20 -14.69
C VAL A 81 6.77 -33.56 -16.09
N LEU A 82 6.32 -32.57 -16.86
CA LEU A 82 5.83 -32.76 -18.24
C LEU A 82 6.89 -33.50 -19.07
N SER A 83 8.16 -33.08 -19.00
CA SER A 83 9.27 -33.61 -19.84
C SER A 83 9.51 -35.09 -19.58
N SER A 84 9.20 -35.58 -18.37
CA SER A 84 9.48 -36.98 -17.98
C SER A 84 8.24 -37.86 -18.23
N LEU A 85 7.15 -37.29 -18.74
CA LEU A 85 5.93 -38.07 -19.10
C LEU A 85 6.24 -38.94 -20.32
N ASP A 86 5.62 -40.10 -20.41
CA ASP A 86 5.58 -40.88 -21.66
C ASP A 86 5.00 -40.00 -22.76
N PRO A 87 5.68 -39.84 -23.93
CA PRO A 87 5.14 -39.06 -25.04
C PRO A 87 3.74 -39.52 -25.49
N LEU A 88 3.36 -40.77 -25.21
CA LEU A 88 2.04 -41.34 -25.62
C LEU A 88 0.96 -41.03 -24.57
N LEU A 89 1.31 -40.41 -23.42
CA LEU A 89 0.27 -39.98 -22.49
C LEU A 89 -0.69 -39.08 -23.26
N ASN A 90 -1.98 -39.33 -23.18
CA ASN A 90 -2.94 -38.62 -24.05
C ASN A 90 -3.74 -37.67 -23.16
N MET A 91 -3.69 -36.36 -23.41
CA MET A 91 -4.38 -35.34 -22.60
C MET A 91 -5.61 -34.81 -23.36
N SER A 92 -6.02 -35.51 -24.42
N SER A 92 -6.02 -35.51 -24.42
CA SER A 92 -7.23 -35.15 -25.19
CA SER A 92 -7.26 -35.19 -25.19
C SER A 92 -8.39 -34.94 -24.21
C SER A 92 -8.40 -34.94 -24.20
N GLY A 93 -9.12 -33.83 -24.34
CA GLY A 93 -10.30 -33.51 -23.53
C GLY A 93 -9.96 -33.01 -22.13
N LYS A 94 -8.68 -32.81 -21.82
CA LYS A 94 -8.24 -32.39 -20.47
C LYS A 94 -7.77 -30.93 -20.49
N THR A 95 -8.12 -30.19 -19.45
CA THR A 95 -7.70 -28.79 -19.24
C THR A 95 -6.69 -28.78 -18.10
N ILE A 96 -5.48 -28.38 -18.42
CA ILE A 96 -4.41 -28.14 -17.42
C ILE A 96 -4.49 -26.67 -17.01
N VAL A 97 -4.65 -26.41 -15.71
CA VAL A 97 -4.64 -25.05 -15.11
C VAL A 97 -3.41 -24.96 -14.20
N ASN A 98 -2.43 -24.18 -14.63
CA ASN A 98 -1.14 -24.05 -13.91
C ASN A 98 -1.21 -22.80 -13.04
N MET A 99 -1.35 -22.98 -11.72
CA MET A 99 -1.43 -21.90 -10.71
C MET A 99 -0.09 -21.65 -10.01
N SER A 100 1.00 -22.18 -10.57
N SER A 100 1.00 -22.18 -10.57
CA SER A 100 2.38 -22.01 -10.05
CA SER A 100 2.38 -22.00 -10.05
C SER A 100 2.98 -20.69 -10.58
C SER A 100 2.97 -20.68 -10.58
N THR A 101 3.71 -19.97 -9.73
CA THR A 101 4.46 -18.75 -10.12
C THR A 101 5.59 -19.13 -11.09
N GLY A 102 5.78 -18.35 -12.14
CA GLY A 102 6.85 -18.61 -13.13
C GLY A 102 6.93 -17.52 -14.20
N THR A 103 7.88 -17.66 -15.11
N THR A 103 7.89 -17.67 -15.10
CA THR A 103 8.15 -16.65 -16.17
CA THR A 103 8.19 -16.68 -16.17
C THR A 103 7.27 -16.93 -17.39
C THR A 103 7.29 -16.94 -17.39
N VAL A 104 7.15 -15.95 -18.30
N VAL A 104 7.18 -15.94 -18.27
CA VAL A 104 6.41 -16.11 -19.58
CA VAL A 104 6.49 -16.03 -19.59
C VAL A 104 7.12 -17.19 -20.42
C VAL A 104 7.13 -17.17 -20.40
N ASP A 105 8.46 -17.32 -20.33
CA ASP A 105 9.21 -18.37 -21.06
C ASP A 105 8.77 -19.76 -20.60
N ASP A 106 8.60 -19.94 -19.28
CA ASP A 106 8.08 -21.20 -18.71
C ASP A 106 6.69 -21.47 -19.30
N VAL A 107 5.84 -20.46 -19.36
CA VAL A 107 4.43 -20.62 -19.83
C VAL A 107 4.47 -21.10 -21.28
N GLU A 108 5.34 -20.49 -22.10
N GLU A 108 5.34 -20.51 -22.10
CA GLU A 108 5.48 -20.83 -23.54
CA GLU A 108 5.39 -20.86 -23.55
C GLU A 108 5.85 -22.31 -23.68
C GLU A 108 5.86 -22.32 -23.69
N ARG A 109 6.88 -22.75 -22.95
CA ARG A 109 7.37 -24.16 -22.97
C ARG A 109 6.26 -25.09 -22.52
N ILE A 110 5.56 -24.75 -21.44
CA ILE A 110 4.50 -25.63 -20.90
C ILE A 110 3.35 -25.73 -21.90
N ALA A 111 2.89 -24.59 -22.46
CA ALA A 111 1.77 -24.57 -23.42
C ALA A 111 2.11 -25.48 -24.62
N LYS A 112 3.37 -25.50 -25.05
CA LYS A 112 3.85 -26.32 -26.18
C LYS A 112 3.73 -27.81 -25.80
N ARG A 113 4.30 -28.20 -24.68
CA ARG A 113 4.26 -29.61 -24.20
C ARG A 113 2.81 -30.06 -24.01
N VAL A 114 1.95 -29.25 -23.41
CA VAL A 114 0.52 -29.64 -23.19
C VAL A 114 -0.12 -29.86 -24.57
N ASP A 115 0.17 -28.97 -25.53
CA ASP A 115 -0.35 -29.07 -26.91
C ASP A 115 0.11 -30.40 -27.56
N GLN A 116 1.37 -30.78 -27.38
CA GLN A 116 1.95 -32.03 -27.93
C GLN A 116 1.15 -33.26 -27.44
N HIS A 117 0.56 -33.20 -26.25
CA HIS A 117 -0.26 -34.28 -25.63
C HIS A 117 -1.74 -34.08 -25.94
N ASN A 118 -2.08 -33.07 -26.74
N ASN A 118 -2.09 -33.09 -26.76
CA ASN A 118 -3.47 -32.74 -27.17
CA ASN A 118 -3.47 -32.72 -27.18
C ASN A 118 -4.30 -32.23 -25.98
C ASN A 118 -4.29 -32.22 -25.98
N GLY A 119 -3.61 -31.70 -24.96
CA GLY A 119 -4.27 -31.04 -23.83
C GLY A 119 -4.62 -29.60 -24.16
N LEU A 120 -5.45 -28.99 -23.32
CA LEU A 120 -5.86 -27.57 -23.37
C LEU A 120 -5.21 -26.91 -22.14
N TYR A 121 -4.70 -25.69 -22.31
CA TYR A 121 -3.86 -25.04 -21.28
C TYR A 121 -4.42 -23.68 -20.88
N VAL A 122 -4.55 -23.49 -19.56
CA VAL A 122 -4.93 -22.22 -18.92
C VAL A 122 -3.87 -21.91 -17.87
N ASP A 123 -3.25 -20.74 -17.98
CA ASP A 123 -2.27 -20.24 -17.02
C ASP A 123 -3.04 -19.43 -15.99
N ALA A 124 -2.59 -19.42 -14.74
CA ALA A 124 -3.38 -18.80 -13.67
C ALA A 124 -2.45 -18.21 -12.61
N GLY A 125 -3.00 -17.32 -11.80
CA GLY A 125 -2.25 -16.67 -10.72
C GLY A 125 -3.17 -16.40 -9.57
N ILE A 126 -2.82 -16.92 -8.40
CA ILE A 126 -3.70 -16.85 -7.20
C ILE A 126 -3.42 -15.56 -6.44
N MET A 127 -4.44 -14.75 -6.23
CA MET A 127 -4.30 -13.38 -5.64
C MET A 127 -4.78 -13.38 -4.18
N CYS A 128 -4.22 -14.27 -3.37
CA CYS A 128 -4.61 -14.46 -1.97
C CYS A 128 -3.69 -15.45 -1.28
N TYR A 129 -3.79 -15.53 0.04
CA TYR A 129 -3.20 -16.61 0.86
C TYR A 129 -4.21 -17.74 0.96
N PRO A 130 -3.76 -18.96 1.33
CA PRO A 130 -4.63 -20.14 1.35
C PRO A 130 -5.93 -19.95 2.14
N LYS A 131 -5.87 -19.21 3.26
CA LYS A 131 -7.05 -19.00 4.15
C LYS A 131 -8.21 -18.35 3.37
N ASP A 132 -7.92 -17.66 2.27
CA ASP A 132 -8.96 -16.91 1.49
C ASP A 132 -9.47 -17.71 0.28
N ILE A 133 -8.87 -18.87 0.00
CA ILE A 133 -9.39 -19.80 -1.05
C ILE A 133 -10.83 -20.17 -0.69
N GLY A 134 -11.72 -20.20 -1.67
CA GLY A 134 -13.16 -20.43 -1.50
C GLY A 134 -13.93 -19.13 -1.29
N GLY A 135 -13.22 -18.00 -1.16
CA GLY A 135 -13.85 -16.71 -0.82
C GLY A 135 -14.64 -16.14 -2.00
N GLN A 136 -15.86 -15.66 -1.76
CA GLN A 136 -16.69 -15.08 -2.85
C GLN A 136 -15.95 -13.90 -3.52
N HIS A 137 -15.17 -13.12 -2.78
CA HIS A 137 -14.49 -11.90 -3.31
C HIS A 137 -13.04 -12.22 -3.65
N THR A 138 -12.62 -13.48 -3.56
CA THR A 138 -11.19 -13.87 -3.79
C THR A 138 -10.91 -13.92 -5.29
N THR A 139 -9.73 -13.48 -5.72
CA THR A 139 -9.39 -13.49 -7.16
C THR A 139 -8.31 -14.52 -7.49
N ILE A 140 -8.56 -15.28 -8.55
CA ILE A 140 -7.50 -15.96 -9.35
C ILE A 140 -7.57 -15.39 -10.75
N LEU A 141 -6.41 -15.06 -11.29
CA LEU A 141 -6.27 -14.58 -12.67
C LEU A 141 -6.10 -15.78 -13.58
N TYR A 142 -6.68 -15.73 -14.79
CA TYR A 142 -6.57 -16.81 -15.80
C TYR A 142 -6.28 -16.22 -17.17
N SER A 143 -5.53 -16.97 -17.98
CA SER A 143 -5.35 -16.69 -19.43
C SER A 143 -5.09 -17.99 -20.18
N GLY A 144 -5.48 -18.03 -21.45
CA GLY A 144 -5.25 -19.20 -22.31
C GLY A 144 -6.56 -19.61 -22.93
N ASN A 145 -6.76 -20.92 -23.10
CA ASN A 145 -7.88 -21.46 -23.89
C ASN A 145 -9.19 -20.98 -23.29
N SER A 146 -9.91 -20.14 -24.03
CA SER A 146 -11.15 -19.50 -23.57
C SER A 146 -12.25 -20.55 -23.38
N ASP A 147 -12.41 -21.45 -24.37
CA ASP A 147 -13.46 -22.49 -24.35
C ASP A 147 -13.26 -23.37 -23.12
N ALA A 148 -12.02 -23.76 -22.87
CA ALA A 148 -11.59 -24.65 -21.76
C ALA A 148 -11.85 -23.96 -20.43
N TYR A 149 -11.40 -22.71 -20.28
CA TYR A 149 -11.64 -21.94 -19.04
C TYR A 149 -13.16 -21.87 -18.77
N HIS A 150 -13.91 -21.38 -19.75
CA HIS A 150 -15.36 -21.16 -19.55
C HIS A 150 -16.05 -22.51 -19.27
N ALA A 151 -15.62 -23.60 -19.89
CA ALA A 151 -16.21 -24.94 -19.64
C ALA A 151 -16.05 -25.30 -18.15
N HIS A 152 -14.91 -24.96 -17.53
CA HIS A 152 -14.58 -25.34 -16.13
C HIS A 152 -14.84 -24.19 -15.15
N GLU A 153 -15.52 -23.13 -15.60
CA GLU A 153 -15.61 -21.87 -14.83
C GLU A 153 -16.36 -22.14 -13.52
N SER A 154 -17.42 -22.93 -13.54
CA SER A 154 -18.22 -23.26 -12.32
C SER A 154 -17.34 -23.98 -11.31
N THR A 155 -16.56 -24.95 -11.77
CA THR A 155 -15.65 -25.70 -10.88
C THR A 155 -14.66 -24.70 -10.29
N LEU A 156 -13.99 -23.91 -11.12
CA LEU A 156 -12.89 -23.03 -10.64
C LEU A 156 -13.42 -21.95 -9.70
N LYS A 157 -14.69 -21.57 -9.84
CA LYS A 157 -15.35 -20.60 -8.94
C LYS A 157 -15.36 -21.08 -7.49
N VAL A 158 -15.34 -22.40 -7.23
CA VAL A 158 -15.38 -22.88 -5.83
C VAL A 158 -14.05 -22.52 -5.17
N LEU A 159 -12.99 -22.26 -5.94
CA LEU A 159 -11.69 -21.86 -5.38
C LEU A 159 -11.63 -20.35 -5.16
N ALA A 160 -12.30 -19.56 -5.99
CA ALA A 160 -12.24 -18.08 -5.94
C ALA A 160 -13.46 -17.53 -6.65
N GLY A 161 -14.32 -16.80 -5.93
CA GLY A 161 -15.59 -16.27 -6.47
C GLY A 161 -15.40 -15.07 -7.37
N ASN A 162 -14.19 -14.49 -7.46
CA ASN A 162 -13.93 -13.26 -8.25
C ASN A 162 -12.78 -13.52 -9.23
N PRO A 163 -12.92 -14.50 -10.13
CA PRO A 163 -11.88 -14.78 -11.11
C PRO A 163 -11.85 -13.68 -12.18
N LYS A 164 -10.69 -13.51 -12.80
CA LYS A 164 -10.53 -12.59 -13.94
C LYS A 164 -9.95 -13.37 -15.10
N PHE A 165 -10.68 -13.53 -16.21
CA PHE A 165 -10.11 -14.08 -17.46
C PHE A 165 -9.51 -12.94 -18.26
N LEU A 166 -8.19 -12.94 -18.43
CA LEU A 166 -7.42 -11.80 -18.97
C LEU A 166 -7.11 -11.98 -20.46
N GLY A 167 -7.62 -13.04 -21.09
CA GLY A 167 -7.53 -13.21 -22.56
C GLY A 167 -7.00 -14.58 -22.96
N ALA A 168 -7.03 -14.86 -24.27
CA ALA A 168 -6.74 -16.19 -24.84
C ALA A 168 -5.24 -16.47 -24.87
N ASP A 169 -4.37 -15.46 -24.81
CA ASP A 169 -2.91 -15.74 -24.87
C ASP A 169 -2.51 -16.37 -23.52
N PRO A 170 -1.97 -17.61 -23.51
CA PRO A 170 -1.57 -18.22 -22.25
C PRO A 170 -0.59 -17.33 -21.47
N THR A 171 0.19 -16.47 -22.14
CA THR A 171 1.19 -15.60 -21.47
C THR A 171 0.57 -14.32 -20.91
N ALA A 172 -0.73 -14.09 -21.04
CA ALA A 172 -1.32 -12.80 -20.67
C ALA A 172 -1.32 -12.65 -19.14
N CYS A 173 -1.58 -13.74 -18.42
CA CYS A 173 -1.77 -13.74 -16.95
C CYS A 173 -0.48 -13.28 -16.26
N THR A 174 0.66 -13.84 -16.61
CA THR A 174 1.93 -13.74 -15.84
C THR A 174 2.33 -12.27 -15.64
N PRO A 175 2.42 -11.40 -16.67
CA PRO A 175 2.90 -10.04 -16.42
C PRO A 175 1.97 -9.24 -15.49
N THR A 176 0.67 -9.40 -15.63
CA THR A 176 -0.32 -8.70 -14.78
C THR A 176 -0.18 -9.23 -13.34
N TYR A 177 -0.13 -10.55 -13.19
CA TYR A 177 0.07 -11.25 -11.89
C TYR A 177 1.32 -10.70 -11.21
N LEU A 178 2.44 -10.67 -11.93
CA LEU A 178 3.70 -10.23 -11.31
C LEU A 178 3.64 -8.72 -11.01
N ALA A 179 2.99 -7.91 -11.86
CA ALA A 179 2.84 -6.45 -11.65
C ALA A 179 2.00 -6.19 -10.38
N LEU A 180 0.91 -6.92 -10.21
CA LEU A 180 0.06 -6.74 -9.01
C LEU A 180 0.82 -7.17 -7.73
N TYR A 181 1.67 -8.22 -7.80
CA TYR A 181 2.47 -8.65 -6.65
C TYR A 181 3.66 -7.71 -6.46
N ALA A 182 4.15 -7.05 -7.50
CA ALA A 182 5.18 -6.00 -7.34
C ALA A 182 4.60 -4.91 -6.44
N PHE A 183 3.37 -4.50 -6.73
CA PHE A 183 2.62 -3.51 -5.96
C PHE A 183 2.42 -4.06 -4.55
N TYR A 184 1.81 -5.25 -4.43
CA TYR A 184 1.40 -5.77 -3.11
C TYR A 184 2.60 -5.90 -2.17
N PHE A 185 3.71 -6.51 -2.59
CA PHE A 185 4.82 -6.78 -1.64
C PHE A 185 5.68 -5.52 -1.40
N GLY A 186 5.82 -4.66 -2.41
CA GLY A 186 6.45 -3.35 -2.17
C GLY A 186 5.66 -2.57 -1.12
N ALA A 187 4.33 -2.60 -1.23
CA ALA A 187 3.44 -1.96 -0.26
C ALA A 187 3.53 -2.61 1.12
N PHE A 188 3.63 -3.93 1.18
CA PHE A 188 3.68 -4.68 2.45
C PHE A 188 5.00 -4.38 3.14
N ALA A 189 6.09 -4.29 2.38
CA ALA A 189 7.40 -3.91 2.98
C ALA A 189 7.32 -2.48 3.52
N ALA A 190 6.66 -1.57 2.79
CA ALA A 190 6.47 -0.18 3.24
C ALA A 190 5.70 -0.21 4.56
N TRP A 191 4.63 -1.02 4.65
CA TRP A 191 3.84 -1.10 5.89
C TRP A 191 4.74 -1.55 7.06
N LEU A 192 5.55 -2.58 6.84
CA LEU A 192 6.48 -3.10 7.86
C LEU A 192 7.45 -1.98 8.27
N GLU A 193 8.00 -1.28 7.30
CA GLU A 193 8.94 -0.15 7.53
C GLU A 193 8.31 0.88 8.46
N GLY A 194 7.04 1.24 8.22
CA GLY A 194 6.28 2.16 9.07
C GLY A 194 5.99 1.58 10.45
N ALA A 195 5.55 0.32 10.50
CA ALA A 195 5.19 -0.37 11.75
C ALA A 195 6.43 -0.42 12.65
N VAL A 196 7.60 -0.63 12.07
CA VAL A 196 8.85 -0.67 12.87
C VAL A 196 9.16 0.74 13.38
N LEU A 197 9.07 1.78 12.54
CA LEU A 197 9.27 3.17 13.02
C LEU A 197 8.31 3.46 14.17
N ALA A 198 7.04 3.13 14.03
CA ALA A 198 6.02 3.46 15.05
C ALA A 198 6.44 2.76 16.37
N SER A 199 6.78 1.49 16.26
CA SER A 199 7.19 0.62 17.40
C SER A 199 8.39 1.26 18.11
N CYS A 200 9.38 1.78 17.38
CA CYS A 200 10.59 2.44 17.96
C CYS A 200 10.17 3.68 18.76
N ALA A 201 9.00 4.25 18.49
CA ALA A 201 8.47 5.42 19.21
C ALA A 201 7.42 4.98 20.23
N GLY A 202 7.27 3.67 20.46
CA GLY A 202 6.44 3.13 21.54
C GLY A 202 5.02 2.92 21.11
N VAL A 203 4.75 2.91 19.80
CA VAL A 203 3.37 2.70 19.27
C VAL A 203 3.24 1.19 19.02
N SER A 204 2.28 0.55 19.70
CA SER A 204 2.03 -0.91 19.58
C SER A 204 1.62 -1.22 18.14
N VAL A 205 1.95 -2.44 17.69
CA VAL A 205 1.59 -2.86 16.32
C VAL A 205 0.07 -2.83 16.19
N GLN A 206 -0.67 -3.14 17.25
CA GLN A 206 -2.15 -3.09 17.22
C GLN A 206 -2.61 -1.64 17.02
N ASP A 207 -1.93 -0.66 17.63
CA ASP A 207 -2.31 0.77 17.48
C ASP A 207 -1.95 1.22 16.05
N PHE A 208 -0.82 0.78 15.51
CA PHE A 208 -0.45 1.10 14.11
C PHE A 208 -1.42 0.43 13.13
N LYS A 209 -1.85 -0.81 13.42
CA LYS A 209 -2.90 -1.52 12.66
C LYS A 209 -4.19 -0.68 12.64
N ALA A 210 -4.58 -0.10 13.77
CA ALA A 210 -5.86 0.65 13.88
C ALA A 210 -5.80 1.91 13.03
N LEU A 211 -4.62 2.49 12.84
CA LEU A 211 -4.46 3.75 12.05
C LEU A 211 -4.19 3.44 10.57
N SER A 212 -3.78 2.21 10.24
CA SER A 212 -3.34 1.89 8.87
C SER A 212 -4.45 2.15 7.85
N PRO A 213 -5.73 1.86 8.12
CA PRO A 213 -6.78 2.14 7.14
C PRO A 213 -6.90 3.59 6.65
N ILE A 214 -6.47 4.54 7.47
CA ILE A 214 -6.41 5.95 7.04
C ILE A 214 -5.61 5.98 5.73
N MET A 215 -4.47 5.31 5.73
CA MET A 215 -3.53 5.38 4.60
C MET A 215 -3.95 4.41 3.49
N SER A 216 -4.56 3.27 3.80
N SER A 216 -4.57 3.27 3.79
CA SER A 216 -5.12 2.33 2.78
CA SER A 216 -5.08 2.35 2.74
C SER A 216 -6.23 3.06 2.00
C SER A 216 -6.24 3.05 2.00
N ASP A 217 -7.12 3.74 2.71
CA ASP A 217 -8.19 4.57 2.07
C ASP A 217 -7.55 5.67 1.22
N MET A 218 -6.58 6.38 1.77
CA MET A 218 -5.90 7.45 1.00
C MET A 218 -5.26 6.85 -0.25
N LEU A 219 -4.70 5.63 -0.17
CA LEU A 219 -3.99 4.99 -1.30
C LEU A 219 -5.01 4.51 -2.36
N VAL A 220 -6.15 4.00 -1.95
CA VAL A 220 -7.21 3.63 -2.93
C VAL A 220 -7.55 4.89 -3.76
N ASP A 221 -7.73 6.05 -3.13
CA ASP A 221 -8.01 7.32 -3.81
C ASP A 221 -6.79 7.80 -4.62
N GLY A 222 -5.60 7.69 -4.04
CA GLY A 222 -4.34 8.08 -4.70
C GLY A 222 -4.09 7.30 -6.00
N ILE A 223 -4.37 6.01 -6.01
CA ILE A 223 -4.22 5.14 -7.21
C ILE A 223 -5.20 5.63 -8.28
N LYS A 224 -6.46 5.82 -7.93
CA LYS A 224 -7.46 6.36 -8.87
C LYS A 224 -6.98 7.68 -9.47
N THR A 225 -6.62 8.63 -8.61
CA THR A 225 -6.15 9.98 -8.99
C THR A 225 -4.92 9.89 -9.89
N ALA A 226 -3.91 9.14 -9.47
CA ALA A 226 -2.63 9.07 -10.22
C ALA A 226 -2.91 8.39 -11.56
N ALA A 227 -3.69 7.30 -11.59
CA ALA A 227 -3.99 6.56 -12.84
C ALA A 227 -4.72 7.51 -13.81
N ASP A 228 -5.66 8.32 -13.31
CA ASP A 228 -6.41 9.26 -14.18
C ASP A 228 -5.46 10.33 -14.72
N ARG A 229 -4.52 10.82 -13.90
CA ARG A 229 -3.54 11.83 -14.34
C ARG A 229 -2.60 11.22 -15.37
N ILE A 230 -2.13 10.00 -15.16
CA ILE A 230 -1.17 9.32 -16.08
C ILE A 230 -1.88 9.09 -17.42
N ALA A 231 -3.14 8.64 -17.40
CA ALA A 231 -3.96 8.43 -18.62
C ALA A 231 -4.06 9.75 -19.39
N ALA A 232 -4.20 10.87 -18.69
CA ALA A 232 -4.42 12.20 -19.30
C ALA A 232 -3.09 12.92 -19.56
N SER A 233 -1.96 12.35 -19.15
CA SER A 233 -0.65 13.03 -19.09
C SER A 233 -0.82 14.42 -18.42
N ASP A 234 -1.64 14.51 -17.37
CA ASP A 234 -2.00 15.78 -16.68
C ASP A 234 -1.36 15.80 -15.29
N TYR A 235 -0.18 16.38 -15.18
CA TYR A 235 0.66 16.35 -13.95
C TYR A 235 0.72 17.74 -13.30
N SER A 236 -0.30 18.58 -13.48
CA SER A 236 -0.40 19.89 -12.81
C SER A 236 -0.24 19.70 -11.30
N GLY A 237 0.56 20.55 -10.65
CA GLY A 237 1.04 20.36 -9.28
C GLY A 237 0.21 21.07 -8.23
N GLU A 238 -1.05 21.42 -8.46
CA GLU A 238 -1.79 22.29 -7.49
C GLU A 238 -2.13 21.55 -6.19
N GLN A 239 -2.16 20.21 -6.16
CA GLN A 239 -2.47 19.44 -4.93
C GLN A 239 -1.22 19.37 -4.05
N ALA A 240 -0.07 19.10 -4.66
CA ALA A 240 1.24 18.99 -3.98
C ALA A 240 2.31 18.76 -5.04
N SER A 241 3.47 19.40 -4.92
CA SER A 241 4.58 19.21 -5.88
C SER A 241 5.45 18.03 -5.47
N VAL A 242 6.12 17.43 -6.43
CA VAL A 242 7.26 16.51 -6.14
C VAL A 242 8.20 17.14 -5.10
N ASP A 243 8.57 18.41 -5.24
CA ASP A 243 9.55 19.06 -4.34
C ASP A 243 9.06 19.02 -2.90
N VAL A 244 7.76 19.25 -2.67
CA VAL A 244 7.17 19.23 -1.30
C VAL A 244 7.11 17.79 -0.79
N HIS A 245 6.77 16.82 -1.65
CA HIS A 245 6.84 15.39 -1.30
C HIS A 245 8.25 15.04 -0.82
N VAL A 246 9.26 15.53 -1.52
CA VAL A 246 10.66 15.18 -1.16
C VAL A 246 10.97 15.79 0.21
N ALA A 247 10.65 17.07 0.39
CA ALA A 247 10.97 17.77 1.66
C ALA A 247 10.31 17.02 2.82
N GLY A 248 9.06 16.58 2.64
CA GLY A 248 8.34 15.81 3.67
C GLY A 248 9.01 14.47 3.94
N GLN A 249 9.33 13.71 2.89
CA GLN A 249 9.83 12.32 3.06
C GLN A 249 11.28 12.38 3.55
N GLU A 250 11.98 13.50 3.41
CA GLU A 250 13.33 13.61 4.00
C GLU A 250 13.20 13.68 5.53
N VAL A 251 12.08 14.16 6.05
CA VAL A 251 11.77 14.16 7.50
C VAL A 251 11.48 12.71 7.92
N VAL A 252 10.69 11.99 7.13
CA VAL A 252 10.40 10.54 7.39
C VAL A 252 11.74 9.79 7.42
N LEU A 253 12.60 10.05 6.44
CA LEU A 253 13.91 9.33 6.35
C LEU A 253 14.71 9.61 7.62
N ASP A 254 14.79 10.88 8.01
CA ASP A 254 15.54 11.33 9.20
C ASP A 254 15.04 10.53 10.42
N ALA A 255 13.74 10.42 10.61
CA ALA A 255 13.13 9.68 11.74
C ALA A 255 13.58 8.21 11.71
N LEU A 256 13.60 7.60 10.52
CA LEU A 256 14.02 6.18 10.40
C LEU A 256 15.50 6.07 10.78
N GLN A 257 16.33 6.96 10.25
CA GLN A 257 17.81 6.94 10.51
C GLN A 257 18.06 7.15 12.01
N ARG A 258 17.37 8.06 12.66
CA ARG A 258 17.59 8.33 14.11
C ARG A 258 17.07 7.15 14.96
N ALA A 259 16.05 6.41 14.51
CA ALA A 259 15.55 5.18 15.16
C ALA A 259 16.44 3.98 14.83
N ASN A 260 17.43 4.15 13.96
CA ASN A 260 18.26 3.05 13.39
C ASN A 260 17.34 1.98 12.78
N ALA A 261 16.19 2.40 12.26
CA ALA A 261 15.19 1.49 11.65
C ALA A 261 15.49 1.42 10.16
N PRO A 262 15.16 0.29 9.50
CA PRO A 262 15.42 0.17 8.06
C PRO A 262 14.57 1.15 7.25
N HIS A 263 15.10 1.63 6.14
CA HIS A 263 14.48 2.71 5.31
C HIS A 263 14.66 2.43 3.83
N ALA A 264 14.76 1.16 3.41
CA ALA A 264 14.93 0.76 2.01
C ALA A 264 13.69 1.12 1.18
N SER A 265 12.51 0.98 1.73
CA SER A 265 11.27 1.32 0.97
C SER A 265 11.17 2.84 0.76
N THR A 266 11.47 3.61 1.78
CA THR A 266 11.53 5.08 1.71
C THR A 266 12.65 5.48 0.74
N ASP A 267 13.79 4.81 0.79
CA ASP A 267 14.89 5.12 -0.17
C ASP A 267 14.42 4.90 -1.62
N ALA A 268 13.62 3.87 -1.88
CA ALA A 268 13.12 3.55 -3.22
C ALA A 268 12.21 4.69 -3.69
N TYR A 269 11.24 5.08 -2.88
CA TYR A 269 10.32 6.20 -3.22
C TYR A 269 11.13 7.48 -3.47
N LEU A 270 12.10 7.77 -2.61
CA LEU A 270 12.88 9.03 -2.73
C LEU A 270 13.72 8.97 -4.00
N SER A 271 14.25 7.80 -4.38
CA SER A 271 15.03 7.63 -5.64
C SER A 271 14.14 7.97 -6.84
N TYR A 272 12.85 7.60 -6.81
CA TYR A 272 11.91 7.88 -7.93
C TYR A 272 11.60 9.37 -7.94
N CYS A 273 11.40 9.96 -6.76
CA CYS A 273 11.22 11.42 -6.59
C CYS A 273 12.42 12.13 -7.20
N ARG A 274 13.64 11.71 -6.87
CA ARG A 274 14.88 12.42 -7.29
C ARG A 274 15.04 12.28 -8.80
N MET A 275 14.72 11.11 -9.36
CA MET A 275 14.62 10.91 -10.82
C MET A 275 13.75 12.00 -11.43
N ALA A 276 12.55 12.20 -10.89
CA ALA A 276 11.59 13.19 -11.41
C ALA A 276 12.17 14.61 -11.27
N GLN A 277 12.76 14.94 -10.14
CA GLN A 277 13.35 16.30 -9.93
C GLN A 277 14.45 16.54 -10.98
N THR A 278 15.35 15.57 -11.15
CA THR A 278 16.46 15.65 -12.12
C THR A 278 15.93 15.90 -13.51
N ALA A 279 14.74 15.38 -13.83
CA ALA A 279 14.10 15.50 -15.16
C ALA A 279 13.26 16.80 -15.23
N GLY A 280 13.34 17.66 -14.20
CA GLY A 280 12.69 18.98 -14.19
C GLY A 280 11.21 18.88 -13.85
N MET A 281 10.82 17.87 -13.07
CA MET A 281 9.39 17.68 -12.68
C MET A 281 9.12 18.11 -11.23
N GLY A 282 10.03 18.86 -10.59
CA GLY A 282 9.91 19.33 -9.19
C GLY A 282 8.54 19.92 -8.87
N GLU A 283 7.98 20.69 -9.79
CA GLU A 283 6.75 21.49 -9.51
C GLU A 283 5.52 20.66 -9.84
N LEU A 284 5.67 19.45 -10.39
CA LEU A 284 4.50 18.67 -10.90
C LEU A 284 3.92 17.77 -9.81
N ASP A 285 2.72 17.26 -10.05
CA ASP A 285 2.03 16.23 -9.23
C ASP A 285 2.95 15.01 -9.08
N ILE A 286 2.78 14.29 -7.99
CA ILE A 286 3.56 13.06 -7.66
C ILE A 286 3.32 11.99 -8.72
N ALA A 287 2.18 11.99 -9.41
CA ALA A 287 1.91 11.00 -10.48
C ALA A 287 2.98 11.12 -11.59
N SER A 288 3.66 12.26 -11.73
CA SER A 288 4.70 12.46 -12.77
C SER A 288 5.86 11.46 -12.59
N LEU A 289 5.99 10.84 -11.42
CA LEU A 289 7.03 9.80 -11.21
C LEU A 289 6.88 8.68 -12.25
N PHE A 290 5.67 8.38 -12.68
CA PHE A 290 5.40 7.33 -13.70
C PHE A 290 6.17 7.67 -14.97
N LYS A 291 6.12 8.93 -15.39
CA LYS A 291 6.78 9.40 -16.64
C LYS A 291 8.30 9.34 -16.42
N ALA A 292 8.80 9.69 -15.23
CA ALA A 292 10.24 9.66 -14.89
C ALA A 292 10.76 8.21 -14.89
N MET A 293 9.91 7.29 -14.44
CA MET A 293 10.23 5.85 -14.27
C MET A 293 10.11 5.08 -15.59
N HIS A 294 9.11 5.38 -16.41
CA HIS A 294 8.85 4.52 -17.58
C HIS A 294 9.72 4.98 -18.76
N SER B 2 -14.25 37.99 19.38
CA SER B 2 -13.60 37.87 18.03
C SER B 2 -14.59 38.33 16.95
N MET B 3 -15.71 37.61 16.80
CA MET B 3 -16.97 38.13 16.23
C MET B 3 -17.87 37.00 15.74
N SER B 4 -18.07 36.95 14.41
CA SER B 4 -18.58 35.76 13.70
C SER B 4 -19.14 36.14 12.32
N GLY B 5 -20.43 36.50 12.27
CA GLY B 5 -21.20 36.63 11.03
C GLY B 5 -22.41 35.70 11.09
N SER B 6 -22.16 34.37 11.13
CA SER B 6 -23.13 33.30 11.48
C SER B 6 -22.82 32.80 12.90
N ASN B 7 -22.18 33.66 13.70
CA ASN B 7 -21.85 33.50 15.13
C ASN B 7 -20.78 32.41 15.31
N LYS B 8 -19.79 32.43 14.43
CA LYS B 8 -18.64 31.49 14.49
C LYS B 8 -17.41 32.31 14.85
N PRO B 9 -16.49 31.76 15.67
CA PRO B 9 -15.34 32.53 16.13
C PRO B 9 -14.27 32.69 15.05
N SER B 10 -13.28 33.53 15.31
CA SER B 10 -12.20 33.83 14.34
C SER B 10 -11.17 32.70 14.37
N VAL B 11 -10.63 32.36 13.20
CA VAL B 11 -9.50 31.41 13.08
C VAL B 11 -8.42 32.10 12.25
N SER B 12 -7.17 31.88 12.58
CA SER B 12 -6.02 32.38 11.78
C SER B 12 -5.33 31.18 11.12
N VAL B 13 -4.91 31.35 9.88
CA VAL B 13 -4.13 30.35 9.10
C VAL B 13 -2.86 31.05 8.65
N LEU B 14 -1.72 30.49 9.01
CA LEU B 14 -0.38 31.02 8.64
C LEU B 14 0.24 29.98 7.68
N GLY B 15 0.48 30.40 6.44
CA GLY B 15 0.98 29.54 5.36
C GLY B 15 -0.15 29.30 4.39
N LEU B 16 -0.07 29.89 3.20
CA LEU B 16 -1.15 29.76 2.19
C LEU B 16 -0.60 29.07 0.94
N GLY B 17 0.19 28.01 1.11
CA GLY B 17 0.57 27.13 -0.01
C GLY B 17 -0.58 26.26 -0.47
N ALA B 18 -0.23 25.16 -1.15
CA ALA B 18 -1.24 24.25 -1.73
C ALA B 18 -2.23 23.81 -0.65
N MET B 19 -1.75 23.47 0.54
CA MET B 19 -2.64 22.96 1.64
C MET B 19 -3.23 24.12 2.44
N GLY B 20 -2.41 25.06 2.91
CA GLY B 20 -2.84 26.19 3.77
C GLY B 20 -3.95 27.00 3.13
N SER B 21 -3.86 27.25 1.83
CA SER B 21 -4.88 28.08 1.13
C SER B 21 -6.24 27.41 1.26
N VAL B 22 -6.27 26.08 1.11
CA VAL B 22 -7.53 25.29 1.16
C VAL B 22 -8.05 25.22 2.59
N LEU B 23 -7.17 25.10 3.59
CA LEU B 23 -7.64 25.18 5.01
C LEU B 23 -8.40 26.50 5.21
N ALA B 24 -7.82 27.62 4.76
CA ALA B 24 -8.42 28.97 4.90
C ALA B 24 -9.77 29.01 4.18
N ARG B 25 -9.81 28.55 2.92
CA ARG B 25 -11.02 28.62 2.08
C ARG B 25 -12.11 27.80 2.77
N THR B 26 -11.77 26.63 3.28
CA THR B 26 -12.77 25.71 3.85
C THR B 26 -13.44 26.35 5.08
N LEU B 27 -12.65 26.95 5.95
CA LEU B 27 -13.14 27.69 7.13
C LEU B 27 -14.02 28.87 6.67
N LEU B 28 -13.60 29.64 5.66
CA LEU B 28 -14.41 30.78 5.15
C LEU B 28 -15.78 30.27 4.73
N GLN B 29 -15.81 29.17 3.97
CA GLN B 29 -17.04 28.64 3.34
C GLN B 29 -17.98 28.11 4.42
N ALA B 30 -17.45 27.68 5.57
CA ALA B 30 -18.24 27.17 6.71
C ALA B 30 -18.72 28.35 7.61
N GLY B 31 -18.35 29.58 7.27
CA GLY B 31 -18.90 30.80 7.93
C GLY B 31 -18.00 31.30 9.05
N TYR B 32 -16.75 30.84 9.12
CA TYR B 32 -15.78 31.30 10.13
C TYR B 32 -15.14 32.58 9.61
N GLY B 33 -14.88 33.54 10.50
CA GLY B 33 -14.00 34.68 10.22
C GLY B 33 -12.61 34.11 10.06
N VAL B 34 -11.90 34.46 9.00
CA VAL B 34 -10.53 33.92 8.84
C VAL B 34 -9.59 35.08 8.63
N THR B 35 -8.51 35.12 9.42
CA THR B 35 -7.35 36.00 9.19
C THR B 35 -6.24 35.12 8.65
N VAL B 36 -5.64 35.52 7.53
CA VAL B 36 -4.57 34.71 6.91
C VAL B 36 -3.28 35.51 6.97
N TRP B 37 -2.17 34.78 6.91
CA TRP B 37 -0.84 35.40 6.75
C TRP B 37 -0.03 34.46 5.87
N ASN B 38 0.81 35.03 5.02
CA ASN B 38 1.75 34.23 4.21
C ASN B 38 3.02 35.04 4.01
N ARG B 39 4.15 34.38 3.93
CA ARG B 39 5.44 35.08 3.65
C ARG B 39 5.27 35.95 2.41
N SER B 40 4.71 35.43 1.33
CA SER B 40 4.48 36.24 0.11
C SER B 40 2.99 36.54 -0.08
N PRO B 41 2.64 37.81 -0.34
CA PRO B 41 1.24 38.23 -0.34
C PRO B 41 0.39 37.79 -1.55
N GLU B 42 1.00 37.47 -2.68
CA GLU B 42 0.29 36.99 -3.90
C GLU B 42 -0.77 35.95 -3.53
N ARG B 43 -0.39 34.99 -2.66
N ARG B 43 -0.39 35.02 -2.64
CA ARG B 43 -1.20 33.78 -2.39
CA ARG B 43 -1.15 33.79 -2.32
C ARG B 43 -2.49 34.18 -1.65
C ARG B 43 -2.44 34.16 -1.57
N ALA B 44 -2.50 35.35 -0.98
CA ALA B 44 -3.65 35.81 -0.18
C ALA B 44 -4.75 36.42 -1.05
N THR B 45 -4.49 36.78 -2.30
CA THR B 45 -5.44 37.63 -3.07
C THR B 45 -6.80 36.94 -3.18
N ALA B 46 -6.83 35.68 -3.61
CA ALA B 46 -8.10 34.96 -3.83
C ALA B 46 -8.85 34.82 -2.51
N LEU B 47 -8.13 34.56 -1.41
CA LEU B 47 -8.76 34.40 -0.06
C LEU B 47 -9.37 35.74 0.37
N VAL B 48 -8.63 36.84 0.18
CA VAL B 48 -9.10 38.21 0.53
C VAL B 48 -10.37 38.49 -0.27
N GLN B 49 -10.38 38.16 -1.56
CA GLN B 49 -11.59 38.45 -2.38
C GLN B 49 -12.76 37.62 -1.87
N GLU B 50 -12.52 36.52 -1.16
CA GLU B 50 -13.64 35.66 -0.68
C GLU B 50 -14.00 35.96 0.77
N GLY B 51 -13.43 37.02 1.36
CA GLY B 51 -13.82 37.48 2.70
C GLY B 51 -12.77 37.27 3.77
N ALA B 52 -11.59 36.70 3.47
CA ALA B 52 -10.50 36.58 4.49
C ALA B 52 -9.91 37.97 4.76
N SER B 53 -9.44 38.22 5.99
CA SER B 53 -8.60 39.40 6.29
C SER B 53 -7.16 38.96 6.10
N LEU B 54 -6.33 39.72 5.40
CA LEU B 54 -4.86 39.45 5.32
C LEU B 54 -4.17 40.29 6.40
N ALA B 55 -3.42 39.65 7.30
CA ALA B 55 -2.54 40.28 8.28
C ALA B 55 -1.22 40.63 7.59
N ARG B 56 -0.64 41.78 7.90
CA ARG B 56 0.67 42.22 7.34
C ARG B 56 1.78 41.34 7.94
N GLU B 57 1.63 41.00 9.22
CA GLU B 57 2.68 40.37 10.05
C GLU B 57 2.12 39.08 10.68
N ALA B 58 2.99 38.10 10.90
CA ALA B 58 2.59 36.85 11.62
C ALA B 58 2.00 37.22 13.01
N SER B 59 2.60 38.19 13.69
N SER B 59 2.60 38.18 13.71
CA SER B 59 2.16 38.70 15.02
CA SER B 59 2.12 38.65 15.04
C SER B 59 0.68 39.10 14.97
C SER B 59 0.64 39.03 14.94
N GLU B 60 0.26 39.85 13.95
CA GLU B 60 -1.14 40.35 13.83
C GLU B 60 -2.09 39.16 13.57
N ALA B 61 -1.65 38.18 12.79
CA ALA B 61 -2.47 36.98 12.53
C ALA B 61 -2.69 36.25 13.88
N ILE B 62 -1.64 36.11 14.66
CA ILE B 62 -1.73 35.47 16.02
C ILE B 62 -2.68 36.27 16.90
N ASN B 63 -2.57 37.60 16.89
CA ASN B 63 -3.38 38.48 17.76
C ASN B 63 -4.86 38.40 17.38
N ALA B 64 -5.17 38.07 16.13
CA ALA B 64 -6.53 38.21 15.58
C ALA B 64 -7.47 37.11 16.09
N SER B 65 -6.96 35.97 16.52
CA SER B 65 -7.77 34.75 16.77
C SER B 65 -7.31 34.02 18.03
N ASN B 66 -8.19 33.19 18.59
CA ASN B 66 -7.81 32.27 19.70
C ASN B 66 -7.49 30.87 19.13
N LEU B 67 -7.65 30.63 17.82
CA LEU B 67 -7.21 29.37 17.16
C LEU B 67 -6.31 29.71 15.96
N ILE B 68 -5.05 29.31 16.05
CA ILE B 68 -3.99 29.69 15.08
C ILE B 68 -3.49 28.40 14.42
N ILE B 69 -3.77 28.21 13.15
CA ILE B 69 -3.41 26.97 12.39
C ILE B 69 -2.18 27.28 11.55
N ILE B 70 -1.13 26.48 11.69
CA ILE B 70 0.16 26.69 10.97
C ILE B 70 0.24 25.64 9.87
N CYS B 71 0.50 26.04 8.65
CA CYS B 71 0.68 25.10 7.53
C CYS B 71 1.75 25.64 6.58
N MET B 72 2.95 25.78 7.11
CA MET B 72 4.12 26.24 6.34
C MET B 72 4.89 24.99 5.89
N ILE B 73 5.93 25.19 5.09
CA ILE B 73 6.62 24.04 4.45
C ILE B 73 7.08 23.07 5.54
N ASP B 74 7.53 23.58 6.67
CA ASP B 74 8.03 22.72 7.77
C ASP B 74 7.96 23.42 9.11
N LYS B 75 8.14 22.66 10.19
CA LYS B 75 8.10 23.20 11.56
C LYS B 75 9.26 24.17 11.79
N ALA B 76 10.43 23.92 11.20
CA ALA B 76 11.62 24.81 11.32
C ALA B 76 11.25 26.25 10.94
N VAL B 77 10.54 26.49 9.84
CA VAL B 77 10.23 27.90 9.45
C VAL B 77 9.22 28.51 10.43
N PHE B 78 8.39 27.72 11.12
CA PHE B 78 7.51 28.29 12.16
C PHE B 78 8.35 28.69 13.38
N GLN B 79 9.42 27.96 13.67
CA GLN B 79 10.39 28.37 14.71
C GLN B 79 10.97 29.75 14.37
N ASP B 80 11.29 30.01 13.11
CA ASP B 80 11.79 31.35 12.65
C ASP B 80 10.70 32.42 12.83
N VAL B 81 9.45 32.10 12.52
CA VAL B 81 8.31 33.01 12.76
C VAL B 81 8.23 33.35 14.26
N LEU B 82 8.27 32.35 15.14
CA LEU B 82 8.28 32.56 16.62
C LEU B 82 9.44 33.49 17.01
N SER B 83 10.64 33.27 16.46
CA SER B 83 11.88 34.03 16.80
C SER B 83 11.74 35.52 16.47
N SER B 84 10.89 35.89 15.51
CA SER B 84 10.73 37.30 15.07
C SER B 84 9.55 37.97 15.79
N LEU B 85 8.88 37.25 16.68
CA LEU B 85 7.81 37.83 17.56
C LEU B 85 8.49 38.62 18.67
N ASP B 86 7.83 39.64 19.19
CA ASP B 86 8.10 40.14 20.57
C ASP B 86 8.08 38.97 21.54
N PRO B 87 9.15 38.73 22.34
CA PRO B 87 9.18 37.60 23.27
C PRO B 87 8.04 37.65 24.29
N LEU B 88 7.50 38.86 24.55
CA LEU B 88 6.43 39.08 25.53
C LEU B 88 5.06 39.05 24.85
N LEU B 89 4.96 38.70 23.57
CA LEU B 89 3.62 38.66 22.93
C LEU B 89 2.76 37.71 23.77
N ASN B 90 1.58 38.14 24.17
CA ASN B 90 0.76 37.35 25.11
C ASN B 90 -0.14 36.41 24.33
N MET B 91 0.07 35.09 24.44
CA MET B 91 -0.75 34.09 23.70
C MET B 91 -1.76 33.44 24.64
N SER B 92 -1.92 33.97 25.86
N SER B 92 -1.97 34.03 25.82
CA SER B 92 -2.95 33.49 26.82
CA SER B 92 -2.98 33.56 26.80
C SER B 92 -4.28 33.29 26.08
C SER B 92 -4.30 33.30 26.08
N GLY B 93 -4.90 32.11 26.26
CA GLY B 93 -6.22 31.80 25.72
C GLY B 93 -6.15 31.34 24.26
N LYS B 94 -4.96 31.30 23.66
CA LYS B 94 -4.81 31.00 22.22
C LYS B 94 -4.25 29.58 22.05
N THR B 95 -4.79 28.84 21.09
CA THR B 95 -4.35 27.47 20.74
C THR B 95 -3.62 27.54 19.42
N ILE B 96 -2.36 27.19 19.43
CA ILE B 96 -1.56 26.99 18.20
C ILE B 96 -1.68 25.51 17.78
N VAL B 97 -2.10 25.26 16.54
CA VAL B 97 -2.19 23.92 15.93
C VAL B 97 -1.22 23.90 14.76
N ASN B 98 -0.13 23.15 14.90
CA ASN B 98 0.94 23.10 13.91
C ASN B 98 0.74 21.89 12.99
N MET B 99 0.22 22.10 11.77
CA MET B 99 -0.02 21.05 10.76
C MET B 99 1.11 20.94 9.74
N SER B 100 2.26 21.53 10.05
N SER B 100 2.27 21.53 10.05
CA SER B 100 3.47 21.50 9.19
CA SER B 100 3.49 21.50 9.20
C SER B 100 4.28 20.23 9.51
C SER B 100 4.34 20.27 9.52
N THR B 101 4.82 19.58 8.49
CA THR B 101 5.75 18.43 8.63
C THR B 101 7.04 18.88 9.31
N GLY B 102 7.53 18.08 10.25
CA GLY B 102 8.74 18.44 11.03
C GLY B 102 9.14 17.34 11.96
N THR B 103 10.31 17.48 12.59
N THR B 103 10.27 17.53 12.64
CA THR B 103 10.91 16.44 13.46
CA THR B 103 10.89 16.54 13.53
C THR B 103 10.37 16.59 14.89
C THR B 103 10.32 16.64 14.94
N VAL B 104 10.56 15.57 15.72
N VAL B 104 10.47 15.57 15.73
CA VAL B 104 10.11 15.60 17.14
CA VAL B 104 10.10 15.59 17.18
C VAL B 104 10.90 16.70 17.88
C VAL B 104 10.91 16.71 17.89
N ASP B 105 12.18 16.91 17.51
CA ASP B 105 13.03 17.99 18.07
C ASP B 105 12.40 19.36 17.80
N ASP B 106 11.89 19.60 16.58
CA ASP B 106 11.18 20.83 16.22
C ASP B 106 9.97 20.99 17.13
N VAL B 107 9.21 19.92 17.34
CA VAL B 107 7.94 19.97 18.12
C VAL B 107 8.29 20.37 19.54
N GLU B 108 9.36 19.79 20.09
CA GLU B 108 9.76 20.05 21.49
C GLU B 108 10.12 21.54 21.64
N ARG B 109 10.93 22.08 20.71
N ARG B 109 10.93 22.07 20.70
CA ARG B 109 11.35 23.51 20.71
CA ARG B 109 11.36 23.48 20.69
C ARG B 109 10.12 24.40 20.60
C ARG B 109 10.12 24.39 20.60
N ILE B 110 9.20 24.07 19.68
CA ILE B 110 8.00 24.90 19.43
C ILE B 110 7.09 24.87 20.66
N ALA B 111 6.85 23.70 21.25
CA ALA B 111 5.97 23.56 22.42
C ALA B 111 6.51 24.45 23.56
N LYS B 112 7.83 24.50 23.73
CA LYS B 112 8.52 25.27 24.79
C LYS B 112 8.26 26.77 24.54
N ARG B 113 8.58 27.25 23.33
CA ARG B 113 8.39 28.68 22.95
C ARG B 113 6.90 29.06 23.12
N VAL B 114 5.95 28.25 22.68
CA VAL B 114 4.51 28.59 22.78
C VAL B 114 4.15 28.70 24.26
N ASP B 115 4.66 27.78 25.06
CA ASP B 115 4.43 27.78 26.53
C ASP B 115 4.98 29.07 27.15
N GLN B 116 6.16 29.51 26.74
CA GLN B 116 6.79 30.78 27.23
C GLN B 116 5.87 31.99 26.97
N HIS B 117 5.05 31.96 25.92
CA HIS B 117 4.08 33.03 25.55
C HIS B 117 2.73 32.80 26.22
N ASN B 118 2.59 31.74 27.03
N ASN B 118 2.59 31.75 27.04
CA ASN B 118 1.35 31.35 27.74
CA ASN B 118 1.35 31.37 27.76
C ASN B 118 0.30 30.86 26.74
C ASN B 118 0.30 30.88 26.74
N GLY B 119 0.75 30.41 25.57
CA GLY B 119 -0.12 29.79 24.57
C GLY B 119 -0.30 28.31 24.87
N LEU B 120 -1.26 27.71 24.19
CA LEU B 120 -1.59 26.27 24.27
C LEU B 120 -1.18 25.66 22.94
N TYR B 121 -0.61 24.45 22.93
CA TYR B 121 0.01 23.86 21.73
C TYR B 121 -0.57 22.48 21.43
N VAL B 122 -0.98 22.31 20.18
CA VAL B 122 -1.43 21.02 19.62
C VAL B 122 -0.61 20.79 18.34
N ASP B 123 0.04 19.64 18.26
CA ASP B 123 0.77 19.23 17.03
C ASP B 123 -0.17 18.39 16.18
N ALA B 124 -0.07 18.44 14.86
CA ALA B 124 -1.09 17.83 13.98
C ALA B 124 -0.43 17.34 12.69
N GLY B 125 -1.11 16.44 12.02
CA GLY B 125 -0.61 15.85 10.77
C GLY B 125 -1.79 15.59 9.86
N ILE B 126 -1.73 16.17 8.66
CA ILE B 126 -2.85 16.09 7.67
C ILE B 126 -2.67 14.82 6.83
N MET B 127 -3.67 13.96 6.85
CA MET B 127 -3.60 12.62 6.22
C MET B 127 -4.44 12.63 4.92
N CYS B 128 -4.15 13.57 4.03
CA CYS B 128 -4.89 13.74 2.75
C CYS B 128 -4.22 14.79 1.87
N TYR B 129 -4.67 14.87 0.63
CA TYR B 129 -4.34 15.97 -0.30
C TYR B 129 -5.40 17.05 -0.13
N PRO B 130 -5.11 18.29 -0.56
CA PRO B 130 -6.01 19.42 -0.29
C PRO B 130 -7.45 19.17 -0.74
N LYS B 131 -7.63 18.48 -1.86
CA LYS B 131 -8.96 18.20 -2.48
C LYS B 131 -9.87 17.49 -1.48
N ASP B 132 -9.32 16.79 -0.49
CA ASP B 132 -10.12 15.97 0.47
C ASP B 132 -10.34 16.72 1.80
N ILE B 133 -9.75 17.90 1.98
CA ILE B 133 -10.06 18.76 3.16
C ILE B 133 -11.56 19.04 3.17
N GLY B 134 -12.19 18.94 4.33
CA GLY B 134 -13.65 19.14 4.50
C GLY B 134 -14.39 17.81 4.37
N GLY B 135 -13.69 16.73 4.06
CA GLY B 135 -14.30 15.40 3.86
C GLY B 135 -14.71 14.78 5.17
N GLN B 136 -15.93 14.25 5.27
CA GLN B 136 -16.41 13.54 6.49
C GLN B 136 -15.43 12.42 6.87
N HIS B 137 -14.82 11.74 5.89
CA HIS B 137 -13.94 10.56 6.04
C HIS B 137 -12.48 11.00 6.21
N THR B 138 -12.18 12.30 6.11
CA THR B 138 -10.78 12.81 6.08
C THR B 138 -10.21 12.83 7.50
N THR B 139 -8.95 12.46 7.64
CA THR B 139 -8.29 12.40 8.95
C THR B 139 -7.16 13.44 9.03
N ILE B 140 -7.20 14.17 10.13
CA ILE B 140 -6.02 14.88 10.67
C ILE B 140 -5.73 14.25 12.04
N LEU B 141 -4.45 14.00 12.26
CA LEU B 141 -3.94 13.48 13.54
C LEU B 141 -3.63 14.68 14.44
N TYR B 142 -3.90 14.56 15.74
CA TYR B 142 -3.59 15.62 16.72
C TYR B 142 -2.98 15.00 17.97
N SER B 143 -2.07 15.73 18.60
CA SER B 143 -1.54 15.41 19.93
C SER B 143 -1.16 16.70 20.65
N GLY B 144 -1.27 16.69 21.99
CA GLY B 144 -0.90 17.85 22.81
C GLY B 144 -2.04 18.18 23.73
N ASN B 145 -2.17 19.47 24.05
CA ASN B 145 -3.06 19.96 25.11
C ASN B 145 -4.47 19.46 24.82
N SER B 146 -4.96 18.59 25.70
CA SER B 146 -6.28 17.92 25.51
C SER B 146 -7.41 18.94 25.68
N ASP B 147 -7.33 19.82 26.67
CA ASP B 147 -8.38 20.83 26.95
C ASP B 147 -8.52 21.74 25.71
N ALA B 148 -7.37 22.16 25.17
CA ALA B 148 -7.26 23.07 24.02
C ALA B 148 -7.81 22.39 22.77
N TYR B 149 -7.39 21.17 22.49
CA TYR B 149 -7.91 20.41 21.33
C TYR B 149 -9.43 20.29 21.43
N HIS B 150 -9.92 19.79 22.57
CA HIS B 150 -11.37 19.55 22.72
C HIS B 150 -12.14 20.87 22.61
N ALA B 151 -11.61 21.97 23.14
CA ALA B 151 -12.23 23.31 23.02
C ALA B 151 -12.41 23.66 21.52
N HIS B 152 -11.45 23.31 20.66
CA HIS B 152 -11.47 23.69 19.22
C HIS B 152 -11.88 22.51 18.32
N GLU B 153 -12.28 21.37 18.90
CA GLU B 153 -12.51 20.12 18.13
C GLU B 153 -13.54 20.38 17.03
N SER B 154 -14.65 21.05 17.35
CA SER B 154 -15.74 21.29 16.36
C SER B 154 -15.23 22.18 15.22
N THR B 155 -14.49 23.22 15.56
CA THR B 155 -13.89 24.09 14.52
C THR B 155 -12.98 23.25 13.63
N LEU B 156 -12.06 22.48 14.21
CA LEU B 156 -11.08 21.72 13.40
C LEU B 156 -11.77 20.64 12.57
N LYS B 157 -12.94 20.18 13.00
CA LYS B 157 -13.75 19.18 12.25
C LYS B 157 -14.24 19.73 10.91
N VAL B 158 -14.26 21.04 10.72
CA VAL B 158 -14.64 21.65 9.42
C VAL B 158 -13.60 21.23 8.36
N LEU B 159 -12.38 20.97 8.82
CA LEU B 159 -11.25 20.62 7.93
C LEU B 159 -11.21 19.11 7.68
N ALA B 160 -11.65 18.30 8.63
CA ALA B 160 -11.54 16.82 8.57
C ALA B 160 -12.59 16.23 9.50
N GLY B 161 -13.54 15.47 8.95
CA GLY B 161 -14.66 14.88 9.71
C GLY B 161 -14.24 13.69 10.54
N ASN B 162 -13.01 13.16 10.35
CA ASN B 162 -12.56 11.90 10.98
C ASN B 162 -11.23 12.13 11.68
N PRO B 163 -11.14 13.11 12.60
CA PRO B 163 -9.88 13.41 13.28
C PRO B 163 -9.56 12.32 14.31
N LYS B 164 -8.29 12.18 14.63
CA LYS B 164 -7.83 11.25 15.68
C LYS B 164 -6.99 12.03 16.68
N PHE B 165 -7.40 12.06 17.94
CA PHE B 165 -6.57 12.63 19.03
C PHE B 165 -5.72 11.49 19.59
N LEU B 166 -4.40 11.54 19.41
CA LEU B 166 -3.44 10.44 19.72
C LEU B 166 -2.92 10.54 21.16
N GLY B 167 -3.24 11.62 21.88
CA GLY B 167 -2.83 11.74 23.30
C GLY B 167 -2.28 13.11 23.60
N ALA B 168 -2.02 13.35 24.89
CA ALA B 168 -1.69 14.67 25.45
C ALA B 168 -0.24 15.05 25.17
N ASP B 169 0.63 14.13 24.78
CA ASP B 169 2.04 14.50 24.56
C ASP B 169 2.14 15.23 23.22
N PRO B 170 2.57 16.50 23.17
CA PRO B 170 2.72 17.18 21.89
C PRO B 170 3.58 16.39 20.89
N THR B 171 4.53 15.57 21.36
CA THR B 171 5.46 14.81 20.48
C THR B 171 4.83 13.49 20.02
N ALA B 172 3.59 13.16 20.38
CA ALA B 172 3.02 11.84 20.05
C ALA B 172 2.69 11.80 18.54
N CYS B 173 2.22 12.92 17.98
CA CYS B 173 1.67 12.93 16.60
C CYS B 173 2.78 12.61 15.60
N THR B 174 3.93 13.28 15.70
CA THR B 174 4.98 13.26 14.65
C THR B 174 5.43 11.83 14.32
N PRO B 175 5.86 10.97 15.26
CA PRO B 175 6.39 9.66 14.86
C PRO B 175 5.34 8.80 14.16
N THR B 176 4.09 8.85 14.63
CA THR B 176 2.96 8.11 14.03
C THR B 176 2.69 8.64 12.63
N TYR B 177 2.59 9.96 12.50
CA TYR B 177 2.40 10.69 11.22
C TYR B 177 3.47 10.26 10.23
N LEU B 178 4.73 10.30 10.65
CA LEU B 178 5.83 9.96 9.73
C LEU B 178 5.81 8.46 9.39
N ALA B 179 5.44 7.59 10.33
CA ALA B 179 5.36 6.12 10.11
C ALA B 179 4.24 5.84 9.10
N LEU B 180 3.07 6.47 9.24
CA LEU B 180 1.96 6.28 8.27
C LEU B 180 2.35 6.78 6.87
N TYR B 181 3.11 7.86 6.75
CA TYR B 181 3.55 8.36 5.43
C TYR B 181 4.72 7.53 4.90
N ALA B 182 5.51 6.90 5.78
CA ALA B 182 6.53 5.93 5.31
C ALA B 182 5.80 4.78 4.59
N PHE B 183 4.72 4.29 5.20
CA PHE B 183 3.86 3.25 4.62
C PHE B 183 3.26 3.77 3.31
N TYR B 184 2.59 4.93 3.38
CA TYR B 184 1.82 5.45 2.22
C TYR B 184 2.71 5.61 0.99
N PHE B 185 3.86 6.27 1.12
CA PHE B 185 4.67 6.61 -0.08
C PHE B 185 5.50 5.41 -0.52
N GLY B 186 5.96 4.56 0.40
CA GLY B 186 6.56 3.28 0.01
C GLY B 186 5.57 2.45 -0.81
N ALA B 187 4.30 2.43 -0.40
CA ALA B 187 3.23 1.70 -1.09
C ALA B 187 2.91 2.36 -2.43
N PHE B 188 2.91 3.68 -2.50
CA PHE B 188 2.59 4.42 -3.73
C PHE B 188 3.71 4.16 -4.75
N ALA B 189 4.96 4.16 -4.30
CA ALA B 189 6.10 3.85 -5.20
C ALA B 189 5.95 2.41 -5.72
N ALA B 190 5.57 1.48 -4.85
CA ALA B 190 5.32 0.07 -5.24
C ALA B 190 4.24 0.04 -6.32
N TRP B 191 3.15 0.79 -6.12
CA TRP B 191 2.04 0.81 -7.11
C TRP B 191 2.57 1.29 -8.48
N LEU B 192 3.34 2.37 -8.50
CA LEU B 192 3.95 2.91 -9.73
C LEU B 192 4.82 1.84 -10.36
N GLU B 193 5.65 1.19 -9.56
CA GLU B 193 6.57 0.11 -10.04
C GLU B 193 5.77 -1.00 -10.75
N GLY B 194 4.64 -1.41 -10.18
CA GLY B 194 3.71 -2.37 -10.81
C GLY B 194 3.03 -1.81 -12.06
N ALA B 195 2.55 -0.57 -12.00
CA ALA B 195 1.83 0.08 -13.13
C ALA B 195 2.79 0.14 -14.31
N VAL B 196 4.07 0.41 -14.06
CA VAL B 196 5.09 0.49 -15.14
C VAL B 196 5.29 -0.91 -15.73
N LEU B 197 5.46 -1.94 -14.90
CA LEU B 197 5.59 -3.33 -15.42
C LEU B 197 4.36 -3.67 -16.27
N ALA B 198 3.16 -3.37 -15.78
CA ALA B 198 1.92 -3.72 -16.51
C ALA B 198 1.92 -3.04 -17.88
N SER B 199 2.24 -1.75 -17.89
CA SER B 199 2.30 -0.91 -19.09
C SER B 199 3.28 -1.52 -20.10
N CYS B 200 4.46 -2.00 -19.64
CA CYS B 200 5.48 -2.64 -20.50
C CYS B 200 4.92 -3.91 -21.16
N ALA B 201 3.87 -4.50 -20.59
CA ALA B 201 3.23 -5.72 -21.10
C ALA B 201 1.93 -5.36 -21.86
N GLY B 202 1.70 -4.07 -22.09
CA GLY B 202 0.57 -3.57 -22.92
C GLY B 202 -0.69 -3.46 -22.10
N VAL B 203 -0.59 -3.50 -20.77
CA VAL B 203 -1.76 -3.29 -19.89
C VAL B 203 -1.81 -1.78 -19.62
N SER B 204 -2.89 -1.11 -20.04
CA SER B 204 -3.05 0.35 -19.85
C SER B 204 -3.10 0.66 -18.35
N VAL B 205 -2.70 1.87 -17.99
CA VAL B 205 -2.72 2.34 -16.59
C VAL B 205 -4.17 2.30 -16.11
N GLN B 206 -5.16 2.58 -16.97
CA GLN B 206 -6.59 2.51 -16.56
C GLN B 206 -6.94 1.05 -16.27
N ASP B 207 -6.42 0.10 -17.04
CA ASP B 207 -6.70 -1.34 -16.81
C ASP B 207 -5.99 -1.77 -15.52
N PHE B 208 -4.78 -1.31 -15.26
CA PHE B 208 -4.07 -1.64 -14.00
C PHE B 208 -4.78 -1.00 -12.80
N LYS B 209 -5.28 0.23 -12.94
CA LYS B 209 -6.15 0.88 -11.92
C LYS B 209 -7.37 -0.02 -11.62
N ALA B 210 -8.01 -0.60 -12.64
CA ALA B 210 -9.22 -1.42 -12.45
C ALA B 210 -8.90 -2.70 -11.67
N LEU B 211 -7.68 -3.23 -11.78
CA LEU B 211 -7.25 -4.48 -11.08
C LEU B 211 -6.68 -4.15 -9.68
N SER B 212 -6.26 -2.91 -9.44
CA SER B 212 -5.51 -2.55 -8.22
C SER B 212 -6.30 -2.91 -6.96
N PRO B 213 -7.65 -2.74 -6.89
CA PRO B 213 -8.37 -3.08 -5.68
C PRO B 213 -8.23 -4.51 -5.18
N ILE B 214 -7.97 -5.45 -6.09
CA ILE B 214 -7.69 -6.86 -5.72
C ILE B 214 -6.58 -6.81 -4.67
N MET B 215 -5.52 -6.06 -4.97
CA MET B 215 -4.32 -6.06 -4.10
C MET B 215 -4.50 -5.09 -2.92
N SER B 216 -5.25 -3.99 -3.07
N SER B 216 -5.23 -3.97 -3.07
CA SER B 216 -5.57 -3.06 -1.95
CA SER B 216 -5.49 -3.07 -1.93
C SER B 216 -6.39 -3.83 -0.91
C SER B 216 -6.39 -3.81 -0.91
N ASP B 217 -7.40 -4.59 -1.36
CA ASP B 217 -8.20 -5.45 -0.46
C ASP B 217 -7.30 -6.49 0.19
N MET B 218 -6.46 -7.15 -0.58
CA MET B 218 -5.53 -8.16 -0.01
C MET B 218 -4.63 -7.49 1.05
N LEU B 219 -4.19 -6.26 0.80
CA LEU B 219 -3.26 -5.55 1.72
C LEU B 219 -4.01 -5.15 3.00
N VAL B 220 -5.25 -4.67 2.89
CA VAL B 220 -6.08 -4.38 4.10
C VAL B 220 -6.09 -5.63 4.97
N ASP B 221 -6.36 -6.80 4.41
CA ASP B 221 -6.47 -8.09 5.14
C ASP B 221 -5.08 -8.49 5.64
N GLY B 222 -4.06 -8.35 4.79
CA GLY B 222 -2.67 -8.73 5.14
C GLY B 222 -2.12 -7.93 6.33
N ILE B 223 -2.47 -6.64 6.40
CA ILE B 223 -2.04 -5.76 7.53
C ILE B 223 -2.71 -6.29 8.81
N LYS B 224 -4.01 -6.52 8.77
CA LYS B 224 -4.74 -7.09 9.94
C LYS B 224 -4.07 -8.39 10.40
N THR B 225 -3.84 -9.29 9.45
CA THR B 225 -3.27 -10.64 9.70
C THR B 225 -1.88 -10.50 10.30
N ALA B 226 -1.03 -9.73 9.65
CA ALA B 226 0.37 -9.61 10.08
C ALA B 226 0.41 -8.91 11.46
N ALA B 227 -0.39 -7.86 11.66
CA ALA B 227 -0.43 -7.12 12.95
C ALA B 227 -0.84 -8.07 14.05
N ASP B 228 -1.87 -8.90 13.83
CA ASP B 228 -2.33 -9.87 14.86
C ASP B 228 -1.23 -10.88 15.17
N ARG B 229 -0.51 -11.35 14.16
CA ARG B 229 0.63 -12.28 14.35
C ARG B 229 1.77 -11.59 15.11
N ILE B 230 2.12 -10.36 14.77
CA ILE B 230 3.24 -9.61 15.42
C ILE B 230 2.87 -9.38 16.89
N ALA B 231 1.62 -9.01 17.17
CA ALA B 231 1.10 -8.80 18.54
C ALA B 231 1.29 -10.08 19.35
N ALA B 232 1.03 -11.25 18.74
CA ALA B 232 1.05 -12.58 19.40
C ALA B 232 2.44 -13.22 19.30
N SER B 233 3.39 -12.58 18.61
CA SER B 233 4.68 -13.20 18.22
C SER B 233 4.41 -14.61 17.66
N ASP B 234 3.38 -14.77 16.83
CA ASP B 234 2.92 -16.06 16.28
C ASP B 234 3.21 -16.09 14.78
N TYR B 235 4.36 -16.63 14.39
CA TYR B 235 4.88 -16.58 13.01
C TYR B 235 4.84 -17.96 12.35
N SER B 236 3.96 -18.86 12.78
CA SER B 236 3.76 -20.19 12.15
C SER B 236 3.53 -20.01 10.65
N GLY B 237 4.16 -20.83 9.82
CA GLY B 237 4.30 -20.62 8.37
C GLY B 237 3.31 -21.40 7.53
N GLU B 238 2.16 -21.82 8.08
CA GLU B 238 1.22 -22.69 7.32
C GLU B 238 0.55 -21.96 6.15
N GLN B 239 0.48 -20.63 6.14
CA GLN B 239 -0.17 -19.87 5.04
C GLN B 239 0.80 -19.75 3.87
N ALA B 240 2.04 -19.37 4.18
CA ALA B 240 3.12 -19.22 3.18
C ALA B 240 4.41 -18.94 3.93
N SER B 241 5.52 -19.52 3.51
CA SER B 241 6.82 -19.27 4.15
C SER B 241 7.48 -18.02 3.55
N VAL B 242 8.33 -17.38 4.33
CA VAL B 242 9.29 -16.39 3.78
C VAL B 242 9.99 -16.98 2.54
N ASP B 243 10.44 -18.24 2.58
CA ASP B 243 11.25 -18.81 1.47
C ASP B 243 10.42 -18.82 0.16
N VAL B 244 9.13 -19.13 0.25
CA VAL B 244 8.25 -19.17 -0.95
C VAL B 244 7.98 -17.73 -1.41
N HIS B 245 7.80 -16.77 -0.50
CA HIS B 245 7.70 -15.33 -0.83
C HIS B 245 8.95 -14.91 -1.63
N VAL B 246 10.12 -15.36 -1.19
CA VAL B 246 11.37 -14.93 -1.87
C VAL B 246 11.38 -15.52 -3.28
N ALA B 247 11.09 -16.82 -3.41
CA ALA B 247 11.16 -17.50 -4.72
C ALA B 247 10.21 -16.80 -5.68
N GLY B 248 9.00 -16.47 -5.22
CA GLY B 248 8.01 -15.75 -6.04
C GLY B 248 8.49 -14.36 -6.43
N GLN B 249 9.00 -13.58 -5.49
CA GLN B 249 9.37 -12.17 -5.78
C GLN B 249 10.64 -12.13 -6.64
N GLU B 250 11.44 -13.20 -6.67
CA GLU B 250 12.61 -13.22 -7.57
C GLU B 250 12.12 -13.34 -9.01
N VAL B 251 10.97 -13.95 -9.22
CA VAL B 251 10.30 -13.99 -10.56
C VAL B 251 9.78 -12.59 -10.89
N VAL B 252 9.16 -11.90 -9.93
CA VAL B 252 8.71 -10.49 -10.13
C VAL B 252 9.94 -9.65 -10.54
N LEU B 253 11.06 -9.80 -9.83
CA LEU B 253 12.26 -9.00 -10.14
C LEU B 253 12.71 -9.29 -11.57
N ASP B 254 12.75 -10.57 -11.94
CA ASP B 254 13.17 -11.02 -13.29
C ASP B 254 12.30 -10.30 -14.35
N ALA B 255 10.99 -10.28 -14.15
CA ALA B 255 10.03 -9.60 -15.05
C ALA B 255 10.35 -8.11 -15.14
N LEU B 256 10.64 -7.45 -14.03
CA LEU B 256 10.98 -6.01 -14.02
C LEU B 256 12.26 -5.79 -14.81
N GLN B 257 13.29 -6.59 -14.56
CA GLN B 257 14.60 -6.45 -15.24
C GLN B 257 14.41 -6.64 -16.75
N ARG B 258 13.64 -7.64 -17.17
CA ARG B 258 13.44 -7.93 -18.61
C ARG B 258 12.59 -6.82 -19.26
N ALA B 259 11.70 -6.15 -18.53
CA ALA B 259 10.90 -5.01 -19.01
C ALA B 259 11.72 -3.71 -18.97
N ASN B 260 12.94 -3.75 -18.43
CA ASN B 260 13.72 -2.51 -18.12
C ASN B 260 12.88 -1.54 -17.30
N ALA B 261 12.01 -2.07 -16.44
CA ALA B 261 11.23 -1.28 -15.47
C ALA B 261 12.06 -1.12 -14.20
N PRO B 262 11.95 0.00 -13.48
CA PRO B 262 12.60 0.14 -12.18
C PRO B 262 12.06 -0.88 -11.16
N HIS B 263 12.91 -1.27 -10.22
CA HIS B 263 12.63 -2.36 -9.25
C HIS B 263 13.19 -2.03 -7.86
N ALA B 264 13.32 -0.76 -7.51
CA ALA B 264 13.85 -0.33 -6.19
C ALA B 264 12.92 -0.77 -5.06
N SER B 265 11.62 -0.71 -5.27
CA SER B 265 10.66 -1.10 -4.22
C SER B 265 10.72 -2.62 -4.00
N THR B 266 10.78 -3.39 -5.07
CA THR B 266 10.92 -4.86 -5.02
C THR B 266 12.28 -5.20 -4.36
N ASP B 267 13.32 -4.48 -4.69
CA ASP B 267 14.66 -4.70 -4.07
C ASP B 267 14.57 -4.51 -2.55
N ALA B 268 13.83 -3.50 -2.11
CA ALA B 268 13.65 -3.20 -0.67
C ALA B 268 12.94 -4.37 0.02
N TYR B 269 11.82 -4.81 -0.51
CA TYR B 269 11.06 -5.94 0.09
C TYR B 269 11.95 -7.19 0.12
N LEU B 270 12.67 -7.47 -0.97
CA LEU B 270 13.51 -8.71 -1.01
C LEU B 270 14.61 -8.61 0.06
N SER B 271 15.17 -7.41 0.28
CA SER B 271 16.22 -7.21 1.32
C SER B 271 15.64 -7.54 2.69
N TYR B 272 14.38 -7.21 2.96
CA TYR B 272 13.74 -7.50 4.26
C TYR B 272 13.50 -9.00 4.37
N CYS B 273 13.04 -9.62 3.29
CA CYS B 273 12.91 -11.10 3.21
C CYS B 273 14.24 -11.75 3.53
N ARG B 274 15.34 -11.28 2.94
CA ARG B 274 16.67 -11.90 3.11
C ARG B 274 17.14 -11.70 4.56
N MET B 275 16.88 -10.54 5.15
CA MET B 275 17.08 -10.31 6.61
C MET B 275 16.45 -11.44 7.40
N ALA B 276 15.17 -11.76 7.13
CA ALA B 276 14.41 -12.80 7.83
C ALA B 276 15.05 -14.17 7.60
N GLN B 277 15.41 -14.48 6.36
CA GLN B 277 16.03 -15.81 6.02
C GLN B 277 17.35 -15.96 6.81
N THR B 278 18.18 -14.91 6.76
CA THR B 278 19.49 -14.83 7.47
C THR B 278 19.29 -15.13 8.95
N ALA B 279 18.15 -14.73 9.52
CA ALA B 279 17.85 -14.88 10.96
C ALA B 279 17.16 -16.24 11.21
N GLY B 280 17.09 -17.11 10.21
CA GLY B 280 16.52 -18.48 10.35
C GLY B 280 15.00 -18.46 10.35
N MET B 281 14.40 -17.50 9.65
CA MET B 281 12.92 -17.36 9.63
C MET B 281 12.35 -17.82 8.28
N GLY B 282 13.14 -18.50 7.44
CA GLY B 282 12.70 -18.95 6.11
C GLY B 282 11.37 -19.69 6.12
N GLU B 283 11.10 -20.51 7.13
CA GLU B 283 9.90 -21.39 7.15
C GLU B 283 8.70 -20.64 7.73
N LEU B 284 8.92 -19.43 8.26
CA LEU B 284 7.89 -18.70 9.05
C LEU B 284 7.03 -17.84 8.14
N ASP B 285 5.89 -17.39 8.69
CA ASP B 285 4.99 -16.40 8.07
C ASP B 285 5.76 -15.13 7.73
N ILE B 286 5.29 -14.42 6.72
CA ILE B 286 5.90 -13.16 6.21
C ILE B 286 5.85 -12.10 7.31
N ALA B 287 4.91 -12.17 8.26
CA ALA B 287 4.85 -11.22 9.40
C ALA B 287 6.20 -11.23 10.17
N SER B 288 6.96 -12.32 10.13
CA SER B 288 8.25 -12.45 10.86
C SER B 288 9.24 -11.38 10.40
N LEU B 289 9.03 -10.76 9.22
CA LEU B 289 9.93 -9.69 8.74
C LEU B 289 9.98 -8.55 9.77
N PHE B 290 8.87 -8.28 10.47
CA PHE B 290 8.84 -7.23 11.51
C PHE B 290 9.96 -7.46 12.52
N LYS B 291 10.08 -8.71 13.00
CA LYS B 291 11.06 -9.09 14.05
C LYS B 291 12.47 -9.03 13.44
N ALA B 292 12.63 -9.40 12.17
CA ALA B 292 13.97 -9.41 11.50
C ALA B 292 14.44 -7.97 11.29
N MET B 293 13.48 -7.07 11.05
CA MET B 293 13.73 -5.64 10.75
C MET B 293 13.94 -4.83 12.04
N HIS B 294 13.32 -5.25 13.15
CA HIS B 294 13.45 -4.54 14.45
C HIS B 294 14.93 -4.48 14.85
#